data_6BJW
#
_entry.id   6BJW
#
_cell.length_a   179.775
_cell.length_b   179.775
_cell.length_c   134.929
_cell.angle_alpha   90.00
_cell.angle_beta   90.00
_cell.angle_gamma   120.00
#
_symmetry.space_group_name_H-M   'P 64 2 2'
#
_entity_poly.entity_id   1
_entity_poly.type   'polypeptide(L)'
_entity_poly.pdbx_seq_one_letter_code
;MHHHHHHSSGVDLGTENLYFQSNAMLYPVLTQSRLLSDLSGVWDFKLDNGKGFEEKWYEKPLKDADTMPVPASYNDLKEG
TDFRDHYGWVFYQRNISVPEYVKSQRIVLRCAAVTHYAMIYLNGKLICEHKGGFLPFEVELNDDLQDGDNLLTIAVNNVI
DYTTLPVGGKANMMSGMMGGMGAGASDKPQNNPNFDFFNYCGITRPVKIYTTPETYINDITVTADIDFTKEEPSAVLNYN
VEIKGKDYNNITCKVELFDEEGTKLSETEGSEGTFEISNVRLWQPLNAYLYKIKVTAGQDVYTLPYGVRSVRVDGTKFLI
NEKPFYFKGYGKHEDTFPNGRGINLPMNTKDISIMKWQHANSFRTSHYPYSEEMMRLCDEEGIVVIDETTAVGVNLQFGG
GANFGGERIGTFDKEHGVQTQEHHKDVIRDLISRDKNHACVVMWSIANEPDSAAEGAYDYFKPLYDLARELDPQKRPCTL
VSVQGTTADTDCSSQLSDVICLNRYYGWYFGGPDLEVSEIGLRKELSDWGKLGKPVMFTEYGADTVSGLHDTTSVMYTEE
YQVEYYEMNNKVFDEFDFVVGEQAWNFADFATSQSLLRVQGNKKGLFTRDRKPKMVAHYFRNRWSTIPEFGYKTK
;
_entity_poly.pdbx_strand_id   A
#
# COMPACT_ATOMS: atom_id res chain seq x y z
N ASN A 23 16.57 3.05 -9.48
CA ASN A 23 15.58 4.11 -9.52
C ASN A 23 14.31 3.61 -10.21
N ALA A 24 14.44 3.25 -11.48
CA ALA A 24 13.29 2.93 -12.33
C ALA A 24 13.11 1.43 -12.46
N MET A 25 11.88 0.98 -12.27
CA MET A 25 11.50 -0.42 -12.46
C MET A 25 10.29 -0.49 -13.37
N LEU A 26 10.39 -1.29 -14.43
CA LEU A 26 9.29 -1.48 -15.36
C LEU A 26 8.73 -2.89 -15.17
N TYR A 27 7.40 -2.99 -15.19
CA TYR A 27 6.75 -4.28 -14.93
C TYR A 27 7.08 -5.27 -16.03
N PRO A 28 7.78 -6.37 -15.74
CA PRO A 28 8.18 -7.30 -16.80
C PRO A 28 6.98 -7.97 -17.45
N VAL A 29 7.13 -8.24 -18.75
CA VAL A 29 6.06 -8.85 -19.54
C VAL A 29 6.69 -9.42 -20.80
N LEU A 30 6.07 -10.45 -21.37
CA LEU A 30 6.56 -11.05 -22.60
C LEU A 30 6.51 -10.03 -23.73
N THR A 31 7.69 -9.70 -24.26
CA THR A 31 7.81 -8.83 -25.42
C THR A 31 8.69 -9.52 -26.47
N GLN A 32 8.71 -8.93 -27.67
CA GLN A 32 9.47 -9.49 -28.78
C GLN A 32 10.96 -9.61 -28.44
N SER A 33 11.44 -8.78 -27.53
CA SER A 33 12.86 -8.74 -27.17
C SER A 33 13.17 -9.36 -25.82
N ARG A 34 12.17 -9.54 -24.95
CA ARG A 34 12.40 -9.89 -23.57
C ARG A 34 11.70 -11.19 -23.20
N LEU A 35 12.43 -12.06 -22.50
CA LEU A 35 11.84 -13.25 -21.90
C LEU A 35 11.24 -12.90 -20.55
N LEU A 36 10.62 -13.90 -19.91
CA LEU A 36 10.11 -13.73 -18.54
C LEU A 36 9.90 -15.13 -17.97
N SER A 37 10.89 -15.63 -17.25
CA SER A 37 10.84 -16.94 -16.62
C SER A 37 10.52 -16.77 -15.14
N ASP A 38 9.31 -17.17 -14.76
CA ASP A 38 8.88 -17.07 -13.37
C ASP A 38 9.60 -18.12 -12.52
N LEU A 39 9.98 -17.73 -11.31
CA LEU A 39 10.61 -18.65 -10.38
C LEU A 39 9.66 -19.11 -9.29
N SER A 40 8.39 -18.71 -9.35
CA SER A 40 7.44 -19.10 -8.32
C SER A 40 7.29 -20.61 -8.26
N GLY A 41 7.14 -21.13 -7.05
CA GLY A 41 7.05 -22.56 -6.82
C GLY A 41 7.32 -22.86 -5.36
N VAL A 42 7.65 -24.13 -5.09
CA VAL A 42 8.00 -24.57 -3.75
C VAL A 42 9.52 -24.64 -3.66
N TRP A 43 10.09 -23.92 -2.68
CA TRP A 43 11.52 -23.84 -2.47
C TRP A 43 11.92 -24.60 -1.22
N ASP A 44 13.22 -24.64 -0.97
CA ASP A 44 13.76 -25.12 0.29
C ASP A 44 13.78 -23.97 1.29
N PHE A 45 13.53 -24.30 2.55
CA PHE A 45 13.31 -23.28 3.57
C PHE A 45 13.89 -23.76 4.89
N LYS A 46 14.51 -22.84 5.61
CA LYS A 46 15.02 -23.14 6.94
C LYS A 46 14.96 -21.89 7.80
N LEU A 47 14.58 -22.06 9.06
CA LEU A 47 14.62 -20.99 10.02
C LEU A 47 16.03 -20.84 10.56
N ASP A 48 16.54 -19.61 10.57
CA ASP A 48 17.84 -19.35 11.19
C ASP A 48 17.76 -19.67 12.67
N ASN A 49 18.85 -20.24 13.20
CA ASN A 49 19.00 -20.52 14.62
C ASN A 49 20.16 -19.74 15.22
N GLY A 50 20.45 -18.56 14.66
CA GLY A 50 21.65 -17.83 15.02
C GLY A 50 22.86 -18.37 14.28
N LYS A 51 23.32 -19.55 14.67
CA LYS A 51 24.49 -20.20 14.08
C LYS A 51 24.28 -20.53 12.60
N GLY A 52 23.84 -19.55 11.82
CA GLY A 52 23.53 -19.79 10.42
C GLY A 52 24.51 -19.18 9.45
N PHE A 53 24.81 -17.88 9.62
CA PHE A 53 25.71 -17.20 8.69
C PHE A 53 27.16 -17.65 8.88
N GLU A 54 27.57 -17.95 10.12
CA GLU A 54 28.91 -18.47 10.33
C GLU A 54 29.05 -19.86 9.72
N GLU A 55 27.98 -20.67 9.77
CA GLU A 55 27.98 -21.96 9.11
C GLU A 55 27.92 -21.83 7.59
N LYS A 56 27.76 -20.62 7.06
CA LYS A 56 27.77 -20.35 5.61
C LYS A 56 26.77 -21.25 4.87
N TRP A 57 25.54 -21.30 5.39
CA TRP A 57 24.49 -22.09 4.77
C TRP A 57 24.24 -21.66 3.32
N TYR A 58 24.55 -20.41 2.98
CA TYR A 58 24.32 -19.90 1.64
C TYR A 58 25.18 -20.59 0.59
N GLU A 59 26.25 -21.27 1.00
CA GLU A 59 27.15 -21.92 0.05
C GLU A 59 26.62 -23.30 -0.36
N LYS A 60 26.55 -24.23 0.58
CA LYS A 60 26.04 -25.56 0.31
C LYS A 60 24.52 -25.58 0.33
N PRO A 61 23.90 -26.50 -0.41
CA PRO A 61 22.43 -26.59 -0.37
C PRO A 61 21.92 -26.92 1.03
N LEU A 62 20.77 -26.34 1.37
CA LEU A 62 20.24 -26.45 2.72
C LEU A 62 20.04 -27.90 3.12
N LYS A 63 20.44 -28.23 4.34
CA LYS A 63 20.24 -29.54 4.93
C LYS A 63 19.17 -29.46 6.00
N ASP A 64 18.46 -30.57 6.21
CA ASP A 64 17.30 -30.62 7.11
C ASP A 64 16.28 -29.55 6.75
N ALA A 65 16.13 -29.32 5.45
CA ALA A 65 15.31 -28.21 4.97
C ALA A 65 13.83 -28.59 4.92
N ASP A 66 12.98 -27.64 5.26
CA ASP A 66 11.55 -27.74 5.05
C ASP A 66 11.20 -27.09 3.71
N THR A 67 9.92 -27.14 3.34
CA THR A 67 9.45 -26.61 2.07
C THR A 67 8.58 -25.38 2.30
N MET A 68 8.67 -24.44 1.36
CA MET A 68 7.88 -23.22 1.47
C MET A 68 7.57 -22.69 0.08
N PRO A 69 6.31 -22.47 -0.26
CA PRO A 69 5.98 -21.91 -1.56
C PRO A 69 6.43 -20.46 -1.67
N VAL A 70 6.76 -20.07 -2.90
CA VAL A 70 7.06 -18.67 -3.23
C VAL A 70 6.17 -18.32 -4.41
N PRO A 71 5.49 -17.16 -4.40
CA PRO A 71 5.46 -16.10 -3.40
C PRO A 71 4.47 -16.35 -2.27
N ALA A 72 4.85 -16.05 -1.02
CA ALA A 72 3.96 -16.20 0.13
C ALA A 72 4.67 -15.69 1.38
N SER A 73 3.87 -15.32 2.37
CA SER A 73 4.39 -15.08 3.71
C SER A 73 4.41 -16.40 4.47
N TYR A 74 5.57 -16.74 5.05
CA TYR A 74 5.74 -18.06 5.67
C TYR A 74 5.00 -18.18 6.98
N ASN A 75 4.62 -17.07 7.61
CA ASN A 75 4.22 -17.09 9.01
C ASN A 75 3.05 -18.02 9.28
N ASP A 76 2.17 -18.22 8.30
CA ASP A 76 0.93 -18.94 8.52
C ASP A 76 0.87 -20.29 7.81
N LEU A 77 1.96 -20.71 7.15
CA LEU A 77 1.96 -21.92 6.35
C LEU A 77 2.50 -23.14 7.09
N LYS A 78 3.04 -22.98 8.29
CA LYS A 78 3.42 -24.09 9.14
C LYS A 78 2.80 -23.91 10.51
N GLU A 79 2.80 -24.97 11.31
CA GLU A 79 2.05 -24.99 12.55
C GLU A 79 2.96 -24.75 13.74
N GLY A 80 2.50 -23.91 14.67
CA GLY A 80 3.24 -23.63 15.88
C GLY A 80 3.48 -22.16 16.14
N THR A 81 3.37 -21.75 17.41
CA THR A 81 3.68 -20.37 17.78
C THR A 81 5.13 -20.04 17.49
N ASP A 82 6.05 -20.92 17.89
CA ASP A 82 7.48 -20.74 17.63
C ASP A 82 7.76 -20.53 16.16
N PHE A 83 6.92 -21.05 15.26
CA PHE A 83 7.10 -20.78 13.84
C PHE A 83 6.48 -19.45 13.43
N ARG A 84 5.20 -19.25 13.76
CA ARG A 84 4.50 -18.03 13.37
C ARG A 84 5.16 -16.79 13.93
N ASP A 85 5.75 -16.89 15.10
CA ASP A 85 6.29 -15.74 15.81
C ASP A 85 7.82 -15.74 15.82
N HIS A 86 8.42 -16.29 14.76
CA HIS A 86 9.87 -16.41 14.71
C HIS A 86 10.53 -15.04 14.60
N TYR A 87 11.69 -14.90 15.24
CA TYR A 87 12.45 -13.66 15.27
C TYR A 87 13.78 -13.88 14.58
N GLY A 88 14.01 -13.15 13.49
CA GLY A 88 15.30 -13.21 12.82
C GLY A 88 15.26 -13.51 11.34
N TRP A 89 16.13 -14.42 10.89
CA TRP A 89 16.30 -14.72 9.48
C TRP A 89 15.63 -16.05 9.11
N VAL A 90 15.21 -16.13 7.85
CA VAL A 90 14.77 -17.38 7.24
C VAL A 90 15.53 -17.50 5.92
N PHE A 91 15.69 -18.73 5.46
CA PHE A 91 16.53 -19.01 4.29
C PHE A 91 15.70 -19.69 3.21
N TYR A 92 15.47 -18.98 2.11
CA TYR A 92 14.92 -19.59 0.90
C TYR A 92 16.07 -20.04 0.00
N GLN A 93 15.94 -21.23 -0.57
CA GLN A 93 16.95 -21.77 -1.48
C GLN A 93 16.27 -22.35 -2.71
N ARG A 94 17.01 -22.36 -3.82
CA ARG A 94 16.44 -22.78 -5.10
C ARG A 94 17.57 -22.97 -6.10
N ASN A 95 17.42 -23.96 -6.97
CA ASN A 95 18.36 -24.17 -8.06
C ASN A 95 17.89 -23.42 -9.31
N ILE A 96 18.86 -23.06 -10.15
CA ILE A 96 18.59 -22.23 -11.32
C ILE A 96 19.45 -22.73 -12.48
N SER A 97 19.05 -22.34 -13.70
CA SER A 97 19.75 -22.73 -14.92
C SER A 97 19.20 -21.91 -16.08
N VAL A 98 19.96 -21.86 -17.17
CA VAL A 98 19.54 -21.17 -18.38
C VAL A 98 19.79 -22.02 -19.61
N LYS A 103 21.58 -16.54 -22.70
CA LYS A 103 22.96 -16.35 -22.27
C LYS A 103 23.62 -15.26 -23.08
N SER A 104 23.01 -14.92 -24.21
CA SER A 104 23.48 -13.83 -25.05
C SER A 104 22.93 -12.47 -24.64
N GLN A 105 21.91 -12.46 -23.79
CA GLN A 105 21.19 -11.24 -23.45
C GLN A 105 21.54 -10.80 -22.04
N ARG A 106 21.17 -9.57 -21.72
CA ARG A 106 21.31 -9.04 -20.37
C ARG A 106 20.31 -9.74 -19.46
N ILE A 107 20.81 -10.52 -18.51
CA ILE A 107 19.97 -11.25 -17.56
C ILE A 107 19.84 -10.43 -16.28
N VAL A 108 18.67 -10.52 -15.64
CA VAL A 108 18.35 -9.68 -14.49
C VAL A 108 17.29 -10.39 -13.65
N LEU A 109 17.47 -10.35 -12.33
CA LEU A 109 16.61 -11.01 -11.37
C LEU A 109 15.87 -9.95 -10.57
N ARG A 110 14.59 -9.77 -10.84
CA ARG A 110 13.76 -8.80 -10.14
C ARG A 110 12.93 -9.51 -9.07
N CYS A 111 13.19 -9.17 -7.81
CA CYS A 111 12.34 -9.58 -6.71
C CYS A 111 11.28 -8.52 -6.51
N ALA A 112 10.01 -8.88 -6.78
CA ALA A 112 8.93 -7.90 -6.75
C ALA A 112 8.73 -7.30 -5.37
N ALA A 113 9.07 -8.06 -4.33
CA ALA A 113 9.04 -7.61 -2.93
C ALA A 113 9.58 -8.68 -2.00
N VAL A 114 10.44 -8.30 -1.06
CA VAL A 114 10.86 -9.16 0.03
C VAL A 114 10.68 -8.39 1.33
N THR A 115 10.09 -9.03 2.34
CA THR A 115 9.67 -8.38 3.57
C THR A 115 10.41 -9.00 4.75
N HIS A 116 11.29 -8.22 5.40
CA HIS A 116 11.52 -6.82 5.07
C HIS A 116 12.86 -6.64 4.38
N TYR A 117 13.92 -7.17 4.99
CA TYR A 117 15.27 -7.07 4.48
C TYR A 117 15.65 -8.37 3.77
N ALA A 118 16.50 -8.25 2.75
CA ALA A 118 16.86 -9.39 1.91
C ALA A 118 18.34 -9.35 1.55
N MET A 119 18.98 -10.51 1.61
CA MET A 119 20.33 -10.72 1.11
C MET A 119 20.29 -11.84 0.09
N ILE A 120 20.68 -11.54 -1.15
CA ILE A 120 20.55 -12.50 -2.25
C ILE A 120 21.94 -13.04 -2.55
N TYR A 121 22.26 -14.22 -2.00
CA TYR A 121 23.47 -14.92 -2.37
C TYR A 121 23.25 -15.65 -3.70
N LEU A 122 24.35 -16.16 -4.27
CA LEU A 122 24.27 -17.02 -5.44
C LEU A 122 25.62 -17.72 -5.58
N ASN A 123 25.60 -19.04 -5.56
CA ASN A 123 26.83 -19.85 -5.48
C ASN A 123 27.70 -19.38 -4.32
N GLY A 124 27.06 -18.97 -3.23
CA GLY A 124 27.73 -18.44 -2.05
C GLY A 124 28.09 -16.96 -2.10
N LYS A 125 28.40 -16.46 -3.29
CA LYS A 125 28.83 -15.07 -3.44
C LYS A 125 27.63 -14.14 -3.38
N LEU A 126 27.63 -13.23 -2.41
CA LEU A 126 26.57 -12.22 -2.30
C LEU A 126 26.46 -11.43 -3.60
N ILE A 127 25.25 -10.93 -3.87
CA ILE A 127 24.97 -10.21 -5.11
C ILE A 127 24.31 -8.88 -4.80
N CYS A 128 23.32 -8.89 -3.92
CA CYS A 128 22.54 -7.70 -3.66
C CYS A 128 22.00 -7.71 -2.23
N GLU A 129 21.52 -6.55 -1.81
CA GLU A 129 20.84 -6.37 -0.55
C GLU A 129 19.75 -5.34 -0.76
N HIS A 130 18.73 -5.36 0.09
CA HIS A 130 17.64 -4.41 -0.07
C HIS A 130 16.94 -4.20 1.27
N LYS A 131 16.96 -2.97 1.74
CA LYS A 131 16.08 -2.54 2.82
C LYS A 131 14.82 -1.95 2.20
N GLY A 132 13.68 -2.58 2.47
CA GLY A 132 12.45 -2.22 1.80
C GLY A 132 11.57 -3.44 1.62
N GLY A 133 10.43 -3.47 2.28
CA GLY A 133 9.62 -4.68 2.34
C GLY A 133 8.52 -4.80 1.31
N PHE A 134 8.15 -3.70 0.65
CA PHE A 134 6.96 -3.71 -0.20
C PHE A 134 7.20 -3.00 -1.52
N LEU A 135 8.43 -3.00 -2.01
CA LEU A 135 8.78 -2.37 -3.27
C LEU A 135 9.82 -3.21 -3.99
N PRO A 136 9.81 -3.21 -5.33
CA PRO A 136 10.68 -4.13 -6.08
C PRO A 136 12.11 -3.62 -6.21
N PHE A 137 12.98 -4.56 -6.57
CA PHE A 137 14.38 -4.28 -6.86
C PHE A 137 14.90 -5.36 -7.80
N GLU A 138 15.87 -4.99 -8.64
CA GLU A 138 16.45 -5.92 -9.58
C GLU A 138 17.98 -5.87 -9.48
N VAL A 139 18.63 -6.90 -10.02
CA VAL A 139 20.08 -7.02 -9.99
C VAL A 139 20.54 -7.56 -11.34
N GLU A 140 21.81 -7.36 -11.65
CA GLU A 140 22.38 -7.90 -12.88
C GLU A 140 22.80 -9.35 -12.67
N LEU A 141 22.75 -10.14 -13.74
CA LEU A 141 22.94 -11.59 -13.66
C LEU A 141 24.01 -12.16 -14.58
N ASN A 142 24.38 -11.47 -15.66
CA ASN A 142 25.33 -12.03 -16.62
C ASN A 142 26.66 -12.38 -15.94
N ASP A 143 27.31 -11.38 -15.35
CA ASP A 143 28.47 -11.64 -14.51
C ASP A 143 28.09 -12.55 -13.36
N ASP A 144 29.07 -13.26 -12.82
CA ASP A 144 28.82 -14.42 -11.97
C ASP A 144 27.93 -15.36 -12.79
N LEU A 145 27.07 -16.15 -12.13
CA LEU A 145 26.26 -17.18 -12.80
C LEU A 145 27.19 -18.21 -13.43
N GLN A 146 26.69 -19.42 -13.67
CA GLN A 146 27.55 -20.43 -14.27
C GLN A 146 26.89 -21.03 -15.50
N ASP A 147 27.12 -22.32 -15.76
CA ASP A 147 26.49 -22.97 -16.90
C ASP A 147 25.12 -23.53 -16.54
N GLY A 148 25.04 -24.30 -15.47
CA GLY A 148 23.79 -24.88 -15.03
C GLY A 148 23.97 -25.56 -13.70
N ASP A 149 22.85 -25.79 -13.02
CA ASP A 149 22.85 -26.37 -11.67
C ASP A 149 23.66 -25.50 -10.71
N ASN A 150 23.48 -24.19 -10.79
CA ASN A 150 24.03 -23.26 -9.81
C ASN A 150 22.96 -22.86 -8.81
N LEU A 151 23.42 -22.46 -7.62
CA LEU A 151 22.59 -22.42 -6.43
C LEU A 151 22.18 -21.00 -6.08
N LEU A 152 20.89 -20.79 -5.84
CA LEU A 152 20.34 -19.50 -5.43
C LEU A 152 19.85 -19.58 -3.99
N THR A 153 20.26 -18.63 -3.16
CA THR A 153 19.89 -18.56 -1.76
C THR A 153 19.43 -17.15 -1.45
N ILE A 154 18.30 -17.02 -0.76
CA ILE A 154 17.75 -15.72 -0.36
C ILE A 154 17.43 -15.77 1.13
N ALA A 155 18.13 -14.97 1.93
CA ALA A 155 17.82 -14.82 3.33
C ALA A 155 16.89 -13.63 3.53
N VAL A 156 15.93 -13.79 4.44
CA VAL A 156 14.94 -12.77 4.72
C VAL A 156 14.94 -12.49 6.22
N ASN A 157 14.97 -11.21 6.58
CA ASN A 157 14.92 -10.77 7.97
C ASN A 157 13.60 -10.10 8.27
N ASN A 158 13.11 -10.27 9.51
CA ASN A 158 11.81 -9.76 9.92
C ASN A 158 11.87 -8.72 11.03
N VAL A 159 13.06 -8.32 11.46
CA VAL A 159 13.20 -7.42 12.59
C VAL A 159 12.80 -6.01 12.17
N ILE A 160 11.96 -5.38 12.99
CA ILE A 160 11.56 -4.00 12.81
C ILE A 160 11.91 -3.23 14.08
N ASP A 161 12.27 -1.97 13.92
CA ASP A 161 12.67 -1.11 15.03
C ASP A 161 12.47 0.35 14.58
N TYR A 162 13.13 1.28 15.27
CA TYR A 162 12.96 2.68 14.95
C TYR A 162 13.63 3.08 13.65
N THR A 163 14.38 2.18 13.01
CA THR A 163 15.05 2.48 11.75
C THR A 163 14.37 1.84 10.55
N THR A 164 13.20 1.25 10.74
CA THR A 164 12.51 0.53 9.66
C THR A 164 11.18 1.21 9.31
N LEU A 165 10.73 0.96 8.10
CA LEU A 165 9.39 1.35 7.65
C LEU A 165 8.71 0.12 7.08
N PRO A 166 7.71 -0.45 7.77
CA PRO A 166 7.04 0.06 8.97
C PRO A 166 7.88 0.05 10.25
N VAL A 167 7.39 0.75 11.28
CA VAL A 167 8.16 1.00 12.50
C VAL A 167 7.79 -0.04 13.55
N GLY A 168 8.79 -0.62 14.20
CA GLY A 168 8.58 -1.52 15.34
C GLY A 168 9.03 -0.87 16.62
N GLY A 169 8.23 -1.05 17.67
CA GLY A 169 8.45 -0.41 18.96
C GLY A 169 9.20 -1.30 19.93
N LYS A 170 8.86 -1.19 21.22
CA LYS A 170 9.48 -2.00 22.26
C LYS A 170 8.45 -2.54 23.26
N ALA A 171 7.18 -2.54 22.90
CA ALA A 171 6.10 -3.13 23.70
C ALA A 171 4.88 -3.22 22.79
N ASN A 172 3.78 -3.77 23.32
CA ASN A 172 2.56 -3.89 22.54
C ASN A 172 1.95 -2.52 22.26
N MET A 173 1.25 -2.41 21.13
CA MET A 173 0.71 -1.12 20.70
C MET A 173 -0.54 -0.76 21.51
N MET A 174 -1.35 -1.74 21.86
CA MET A 174 -2.58 -1.50 22.63
C MET A 174 -2.27 -1.66 24.11
N SER A 175 -1.76 -0.59 24.71
CA SER A 175 -1.52 -0.51 26.15
C SER A 175 -2.34 0.61 26.78
N GLY A 176 -3.52 0.87 26.22
CA GLY A 176 -4.42 1.89 26.72
C GLY A 176 -5.75 1.90 25.99
N ALA A 183 0.28 -8.59 28.84
CA ALA A 183 1.52 -8.89 28.12
C ALA A 183 2.57 -7.82 28.38
N GLY A 184 3.63 -8.20 29.10
CA GLY A 184 4.75 -7.31 29.36
C GLY A 184 5.98 -7.77 28.59
N ALA A 185 6.66 -6.80 27.98
CA ALA A 185 7.90 -7.06 27.26
C ALA A 185 8.90 -7.74 28.19
N SER A 186 9.11 -9.04 28.01
CA SER A 186 9.81 -9.83 29.02
C SER A 186 10.41 -11.08 28.38
N ASP A 187 11.60 -11.45 28.86
CA ASP A 187 12.22 -12.75 28.61
C ASP A 187 12.68 -12.92 27.16
N LYS A 188 11.78 -13.44 26.31
CA LYS A 188 12.17 -13.87 24.96
C LYS A 188 12.23 -12.68 24.01
N PRO A 189 13.17 -12.69 23.05
CA PRO A 189 13.20 -11.63 22.05
C PRO A 189 12.10 -11.80 21.02
N GLN A 190 11.54 -10.69 20.57
CA GLN A 190 10.44 -10.71 19.63
C GLN A 190 10.33 -9.34 18.96
N ASN A 191 9.42 -9.22 18.01
CA ASN A 191 9.06 -7.95 17.38
C ASN A 191 7.77 -7.44 17.99
N ASN A 192 7.76 -6.17 18.39
CA ASN A 192 6.58 -5.52 18.93
C ASN A 192 6.18 -4.40 17.98
N PRO A 193 5.28 -4.66 17.04
CA PRO A 193 5.00 -3.67 16.00
C PRO A 193 4.28 -2.45 16.55
N ASN A 194 4.62 -1.28 16.01
CA ASN A 194 3.92 -0.05 16.34
C ASN A 194 2.75 0.18 15.39
N PHE A 195 2.12 -0.91 14.92
CA PHE A 195 1.03 -0.81 13.96
C PHE A 195 0.05 -1.95 14.19
N ASP A 196 -1.21 -1.70 13.87
CA ASP A 196 -2.29 -2.65 14.12
C ASP A 196 -2.49 -3.57 12.91
N PHE A 197 -1.45 -4.34 12.60
CA PHE A 197 -1.57 -5.48 11.70
C PHE A 197 -0.36 -6.40 11.92
N PHE A 198 -0.47 -7.62 11.40
CA PHE A 198 0.50 -8.66 11.68
C PHE A 198 1.74 -8.52 10.79
N ASN A 199 2.88 -8.98 11.32
CA ASN A 199 4.17 -8.84 10.63
C ASN A 199 4.39 -10.02 9.67
N TYR A 200 3.51 -10.13 8.68
CA TYR A 200 3.67 -11.13 7.64
C TYR A 200 4.94 -10.83 6.85
N CYS A 201 5.88 -11.78 6.84
CA CYS A 201 7.17 -11.59 6.20
C CYS A 201 7.52 -12.78 5.33
N GLY A 202 8.53 -12.59 4.49
CA GLY A 202 8.96 -13.55 3.50
C GLY A 202 8.92 -12.97 2.10
N ILE A 203 9.17 -13.84 1.12
CA ILE A 203 9.07 -13.44 -0.29
C ILE A 203 7.60 -13.28 -0.64
N THR A 204 7.03 -12.12 -0.29
CA THR A 204 5.59 -11.93 -0.44
C THR A 204 5.18 -11.92 -1.91
N ARG A 205 5.96 -11.29 -2.77
CA ARG A 205 5.62 -11.09 -4.17
C ARG A 205 6.60 -11.84 -5.07
N PRO A 206 6.23 -12.08 -6.33
CA PRO A 206 6.95 -13.08 -7.14
C PRO A 206 8.41 -12.73 -7.36
N VAL A 207 9.15 -13.75 -7.82
CA VAL A 207 10.53 -13.63 -8.23
C VAL A 207 10.61 -14.15 -9.67
N LYS A 208 11.00 -13.28 -10.60
CA LYS A 208 11.01 -13.59 -12.01
C LYS A 208 12.39 -13.34 -12.60
N ILE A 209 12.56 -13.72 -13.86
CA ILE A 209 13.82 -13.53 -14.58
C ILE A 209 13.46 -13.09 -16.00
N TYR A 210 13.77 -11.85 -16.34
CA TYR A 210 13.60 -11.34 -17.69
C TYR A 210 14.96 -11.01 -18.28
N THR A 211 15.01 -10.90 -19.60
CA THR A 211 16.24 -10.62 -20.32
C THR A 211 16.04 -9.38 -21.19
N THR A 212 17.15 -8.74 -21.55
CA THR A 212 17.15 -7.55 -22.38
C THR A 212 18.34 -7.56 -23.31
N PRO A 213 18.24 -6.94 -24.48
CA PRO A 213 19.44 -6.65 -25.27
C PRO A 213 20.32 -5.64 -24.55
N GLU A 214 21.62 -5.70 -24.85
CA GLU A 214 22.61 -4.86 -24.18
C GLU A 214 22.20 -3.39 -24.15
N THR A 215 21.37 -2.96 -25.10
CA THR A 215 20.70 -1.67 -25.07
C THR A 215 19.22 -1.92 -24.80
N TYR A 216 18.68 -1.29 -23.75
CA TYR A 216 17.33 -1.57 -23.31
C TYR A 216 16.63 -0.28 -22.91
N ILE A 217 15.30 -0.30 -22.93
CA ILE A 217 14.54 0.76 -22.27
C ILE A 217 14.63 0.56 -20.76
N ASN A 218 14.83 1.65 -20.02
CA ASN A 218 14.90 1.59 -18.57
C ASN A 218 13.78 2.32 -17.87
N ASP A 219 13.11 3.26 -18.53
CA ASP A 219 12.01 4.00 -17.93
C ASP A 219 11.21 4.66 -19.03
N ILE A 220 9.89 4.74 -18.81
CA ILE A 220 8.98 5.46 -19.68
C ILE A 220 8.20 6.45 -18.82
N THR A 221 7.90 7.61 -19.39
CA THR A 221 7.15 8.64 -18.67
C THR A 221 6.24 9.35 -19.66
N VAL A 222 4.93 9.25 -19.45
CA VAL A 222 3.93 9.83 -20.33
C VAL A 222 3.02 10.73 -19.53
N THR A 223 2.63 11.86 -20.11
CA THR A 223 1.82 12.88 -19.45
C THR A 223 0.64 13.23 -20.36
N ALA A 224 -0.23 14.12 -19.90
CA ALA A 224 -1.43 14.47 -20.65
C ALA A 224 -1.83 15.91 -20.35
N ASP A 225 -2.32 16.60 -21.38
CA ASP A 225 -2.94 17.91 -21.24
C ASP A 225 -4.24 17.88 -22.03
N ILE A 226 -5.36 18.10 -21.35
CA ILE A 226 -6.68 17.95 -21.93
C ILE A 226 -7.29 19.33 -22.15
N ASP A 227 -7.94 19.50 -23.29
CA ASP A 227 -8.64 20.75 -23.64
C ASP A 227 -10.14 20.49 -23.47
N PHE A 228 -10.67 20.86 -22.31
CA PHE A 228 -12.07 20.60 -21.96
C PHE A 228 -12.99 21.67 -22.55
N THR A 229 -12.85 21.95 -23.83
CA THR A 229 -13.63 22.99 -24.49
C THR A 229 -14.76 22.40 -25.34
N ALA A 235 -5.85 17.17 -24.94
CA ALA A 235 -5.81 15.84 -25.53
C ALA A 235 -4.46 15.58 -26.18
N VAL A 236 -3.40 16.09 -25.54
CA VAL A 236 -2.03 16.01 -26.05
C VAL A 236 -1.19 15.28 -25.02
N LEU A 237 -0.40 14.30 -25.48
CA LEU A 237 0.36 13.41 -24.60
C LEU A 237 1.86 13.70 -24.76
N ASN A 238 2.46 14.26 -23.71
CA ASN A 238 3.92 14.34 -23.63
C ASN A 238 4.47 13.00 -23.19
N TYR A 239 5.62 12.61 -23.76
CA TYR A 239 6.08 11.23 -23.52
C TYR A 239 7.60 11.13 -23.70
N ASN A 240 8.33 11.54 -22.66
CA ASN A 240 9.76 11.31 -22.60
C ASN A 240 10.05 9.81 -22.43
N VAL A 241 11.24 9.39 -22.85
CA VAL A 241 11.72 8.02 -22.70
C VAL A 241 13.16 8.07 -22.23
N GLU A 242 13.74 6.91 -21.94
CA GLU A 242 15.11 6.85 -21.44
C GLU A 242 15.73 5.50 -21.80
N ILE A 243 17.06 5.49 -21.94
CA ILE A 243 17.84 4.28 -22.16
C ILE A 243 19.11 4.34 -21.31
N VAL A 255 8.14 4.15 -30.99
CA VAL A 255 7.02 4.65 -30.19
C VAL A 255 5.77 4.85 -31.03
N GLU A 256 4.70 4.13 -30.67
CA GLU A 256 3.46 4.17 -31.43
C GLU A 256 2.27 4.02 -30.49
N LEU A 257 1.33 4.97 -30.57
CA LEU A 257 0.04 4.84 -29.90
C LEU A 257 -0.77 3.72 -30.57
N PHE A 258 -1.75 3.19 -29.84
CA PHE A 258 -2.41 1.97 -30.33
C PHE A 258 -3.92 1.88 -30.11
N ASP A 259 -4.54 2.65 -29.23
CA ASP A 259 -5.98 2.59 -28.99
C ASP A 259 -6.38 1.27 -28.32
N GLU A 260 -7.50 1.28 -27.59
CA GLU A 260 -7.98 0.13 -26.81
C GLU A 260 -8.04 -1.16 -27.60
N GLU A 261 -9.01 -1.27 -28.51
CA GLU A 261 -9.24 -2.51 -29.25
C GLU A 261 -8.03 -2.95 -30.05
N GLY A 262 -7.09 -2.05 -30.34
CA GLY A 262 -5.87 -2.40 -31.04
C GLY A 262 -5.71 -1.71 -32.38
N THR A 263 -6.70 -0.95 -32.85
CA THR A 263 -6.58 -0.22 -34.10
C THR A 263 -5.43 0.79 -34.00
N LYS A 264 -4.31 0.49 -34.64
CA LYS A 264 -3.11 1.31 -34.51
C LYS A 264 -3.37 2.73 -34.97
N LEU A 265 -2.49 3.64 -34.54
CA LEU A 265 -2.68 5.06 -34.82
C LEU A 265 -1.35 5.81 -34.93
N SER A 266 -1.29 6.99 -34.32
CA SER A 266 -0.18 7.91 -34.52
C SER A 266 1.16 7.27 -34.16
N GLU A 267 2.23 7.82 -34.74
CA GLU A 267 3.59 7.36 -34.52
C GLU A 267 4.51 8.56 -34.33
N THR A 268 5.78 8.29 -34.05
CA THR A 268 6.77 9.35 -33.88
C THR A 268 8.18 8.84 -34.13
N GLY A 273 12.54 11.55 -26.58
CA GLY A 273 11.46 12.51 -26.41
C GLY A 273 10.43 12.45 -27.53
N THR A 274 9.16 12.57 -27.18
CA THR A 274 8.05 12.41 -28.12
C THR A 274 6.93 13.37 -27.75
N PHE A 275 5.80 13.23 -28.46
CA PHE A 275 4.58 13.99 -28.23
C PHE A 275 3.49 13.44 -29.15
N GLU A 276 2.23 13.56 -28.72
CA GLU A 276 1.10 13.06 -29.48
C GLU A 276 -0.11 13.97 -29.29
N ILE A 277 -1.16 13.70 -30.06
CA ILE A 277 -2.41 14.44 -29.98
C ILE A 277 -3.48 13.65 -30.72
N SER A 278 -4.70 13.64 -30.19
CA SER A 278 -5.81 12.92 -30.80
C SER A 278 -7.11 13.39 -30.15
N ASN A 279 -8.23 12.88 -30.69
CA ASN A 279 -9.54 13.03 -30.06
C ASN A 279 -9.75 11.80 -29.18
N VAL A 280 -9.60 11.98 -27.87
CA VAL A 280 -9.37 10.86 -26.97
C VAL A 280 -10.66 10.42 -26.30
N ARG A 281 -10.64 9.19 -25.79
CA ARG A 281 -11.67 8.66 -24.92
C ARG A 281 -11.15 8.69 -23.48
N LEU A 282 -11.91 9.34 -22.59
CA LEU A 282 -11.41 9.62 -21.25
C LEU A 282 -11.46 8.39 -20.36
N TRP A 283 -10.36 8.15 -19.63
CA TRP A 283 -10.35 7.19 -18.53
C TRP A 283 -11.19 7.75 -17.39
N GLN A 284 -12.22 7.03 -16.98
CA GLN A 284 -13.10 7.49 -15.93
C GLN A 284 -13.27 6.43 -14.86
N PRO A 285 -13.54 6.83 -13.62
CA PRO A 285 -13.85 5.84 -12.58
C PRO A 285 -15.11 5.06 -12.94
N LEU A 286 -15.00 3.74 -12.83
CA LEU A 286 -16.06 2.81 -13.24
C LEU A 286 -16.36 2.91 -14.72
N ASN A 287 -15.38 3.36 -15.51
CA ASN A 287 -15.51 3.54 -16.96
C ASN A 287 -14.13 3.67 -17.57
N ALA A 288 -13.28 2.66 -17.37
CA ALA A 288 -11.88 2.74 -17.75
C ALA A 288 -11.74 2.69 -19.28
N TYR A 289 -10.52 3.01 -19.73
CA TYR A 289 -10.13 2.98 -21.13
C TYR A 289 -8.62 3.18 -21.20
N LEU A 290 -7.89 2.17 -21.69
CA LEU A 290 -6.44 2.22 -21.69
C LEU A 290 -5.93 2.17 -23.13
N TYR A 291 -5.29 3.26 -23.56
CA TYR A 291 -4.50 3.21 -24.77
C TYR A 291 -3.26 2.35 -24.55
N LYS A 292 -2.70 1.85 -25.63
CA LYS A 292 -1.45 1.11 -25.57
C LYS A 292 -0.32 1.96 -26.11
N ILE A 293 0.90 1.66 -25.66
CA ILE A 293 2.10 2.37 -26.06
C ILE A 293 3.16 1.31 -26.37
N LYS A 294 3.53 1.19 -27.64
CA LYS A 294 4.55 0.24 -28.09
C LYS A 294 5.83 1.01 -28.33
N VAL A 295 6.79 0.88 -27.42
CA VAL A 295 8.08 1.55 -27.55
C VAL A 295 8.99 0.65 -28.38
N THR A 296 9.36 1.14 -29.57
CA THR A 296 10.32 0.47 -30.44
C THR A 296 11.63 1.25 -30.39
N ALA A 297 12.67 0.63 -29.85
CA ALA A 297 13.96 1.28 -29.71
C ALA A 297 15.08 0.40 -30.23
N GLY A 298 16.27 0.52 -29.63
CA GLY A 298 17.40 -0.31 -30.00
C GLY A 298 17.08 -1.78 -29.96
N GLN A 299 16.48 -2.30 -31.05
CA GLN A 299 15.99 -3.67 -31.18
C GLN A 299 15.35 -4.20 -29.90
N ASP A 300 14.66 -3.34 -29.16
CA ASP A 300 14.00 -3.74 -27.93
C ASP A 300 12.59 -3.15 -27.91
N VAL A 301 11.65 -3.91 -27.35
CA VAL A 301 10.24 -3.55 -27.31
C VAL A 301 9.74 -3.68 -25.88
N TYR A 302 9.04 -2.64 -25.40
CA TYR A 302 8.29 -2.72 -24.17
C TYR A 302 6.95 -2.02 -24.39
N THR A 303 5.86 -2.70 -24.07
CA THR A 303 4.53 -2.16 -24.27
C THR A 303 4.00 -1.58 -22.97
N LEU A 304 3.19 -0.52 -23.08
CA LEU A 304 2.77 0.23 -21.91
C LEU A 304 1.31 0.64 -22.08
N PRO A 305 0.47 0.39 -21.08
CA PRO A 305 -0.91 0.89 -21.11
C PRO A 305 -1.03 2.22 -20.40
N TYR A 306 -1.83 3.13 -20.98
CA TYR A 306 -1.95 4.48 -20.45
C TYR A 306 -3.40 4.92 -20.46
N GLY A 307 -3.77 5.75 -19.50
CA GLY A 307 -5.10 6.32 -19.41
C GLY A 307 -5.05 7.84 -19.35
N VAL A 308 -6.01 8.49 -20.00
CA VAL A 308 -6.06 9.94 -20.06
C VAL A 308 -6.88 10.43 -18.87
N ARG A 309 -6.24 11.18 -17.97
CA ARG A 309 -6.83 11.52 -16.68
C ARG A 309 -6.27 12.85 -16.21
N SER A 310 -7.11 13.65 -15.55
CA SER A 310 -6.71 14.94 -15.00
C SER A 310 -7.20 15.04 -13.56
N VAL A 311 -6.27 15.34 -12.64
CA VAL A 311 -6.60 15.53 -11.23
C VAL A 311 -6.05 16.87 -10.78
N ARG A 312 -6.90 17.64 -10.08
CA ARG A 312 -6.47 18.88 -9.44
C ARG A 312 -7.52 19.26 -8.40
N VAL A 313 -7.15 20.19 -7.52
CA VAL A 313 -8.00 20.62 -6.43
C VAL A 313 -8.36 22.09 -6.63
N ASP A 314 -9.64 22.41 -6.54
CA ASP A 314 -10.14 23.79 -6.64
C ASP A 314 -10.89 24.09 -5.34
N GLY A 315 -10.14 24.31 -4.27
CA GLY A 315 -10.73 24.57 -2.98
C GLY A 315 -11.33 23.34 -2.35
N THR A 316 -12.64 23.37 -2.11
CA THR A 316 -13.36 22.26 -1.49
C THR A 316 -13.78 21.17 -2.50
N LYS A 317 -13.13 21.10 -3.66
CA LYS A 317 -13.51 20.16 -4.71
C LYS A 317 -12.31 19.34 -5.14
N PHE A 318 -12.50 18.03 -5.26
CA PHE A 318 -11.53 17.12 -5.86
C PHE A 318 -11.95 16.90 -7.31
N LEU A 319 -11.16 17.39 -8.25
CA LEU A 319 -11.50 17.36 -9.66
C LEU A 319 -10.82 16.17 -10.33
N ILE A 320 -11.65 15.24 -10.85
CA ILE A 320 -11.19 14.20 -11.75
C ILE A 320 -11.80 14.52 -13.11
N ASN A 321 -10.94 14.92 -14.06
CA ASN A 321 -11.36 15.42 -15.36
C ASN A 321 -12.37 16.56 -15.21
N GLU A 322 -12.02 17.50 -14.32
CA GLU A 322 -12.77 18.75 -14.13
C GLU A 322 -14.21 18.49 -13.71
N LYS A 323 -14.43 17.46 -12.89
CA LYS A 323 -15.73 17.15 -12.35
C LYS A 323 -15.62 16.91 -10.85
N PRO A 324 -16.68 17.22 -10.08
CA PRO A 324 -16.59 17.13 -8.61
C PRO A 324 -16.78 15.72 -8.07
N PHE A 325 -15.69 15.09 -7.67
CA PHE A 325 -15.66 13.67 -7.33
C PHE A 325 -16.11 13.43 -5.89
N TYR A 326 -16.36 12.15 -5.58
CA TYR A 326 -16.68 11.72 -4.21
C TYR A 326 -16.13 10.32 -4.01
N PHE A 327 -15.28 10.15 -3.00
CA PHE A 327 -14.69 8.85 -2.71
C PHE A 327 -15.71 7.96 -2.02
N LYS A 328 -16.00 6.81 -2.62
CA LYS A 328 -16.82 5.76 -2.03
C LYS A 328 -15.97 4.50 -1.98
N GLY A 329 -15.58 4.08 -0.78
CA GLY A 329 -14.75 2.90 -0.67
C GLY A 329 -14.24 2.52 0.70
N TYR A 330 -13.04 1.95 0.74
CA TYR A 330 -12.52 1.31 1.94
C TYR A 330 -11.03 1.62 2.06
N GLY A 331 -10.50 1.39 3.26
CA GLY A 331 -9.09 1.10 3.41
C GLY A 331 -8.95 -0.40 3.30
N LYS A 332 -8.03 -0.86 2.47
CA LYS A 332 -7.88 -2.28 2.21
C LYS A 332 -6.61 -2.82 2.87
N HIS A 333 -6.38 -4.11 2.69
CA HIS A 333 -5.15 -4.76 3.10
C HIS A 333 -4.82 -5.86 2.11
N GLU A 334 -3.52 -6.13 1.97
CA GLU A 334 -3.08 -7.38 1.37
C GLU A 334 -3.09 -8.42 2.48
N ASP A 335 -4.24 -9.06 2.67
CA ASP A 335 -4.43 -10.00 3.77
C ASP A 335 -5.41 -11.08 3.32
N THR A 336 -4.91 -12.30 3.12
CA THR A 336 -5.72 -13.46 2.82
C THR A 336 -5.25 -14.62 3.69
N PHE A 337 -6.01 -15.72 3.64
CA PHE A 337 -5.57 -16.94 4.30
C PHE A 337 -5.29 -18.00 3.25
N PRO A 338 -4.16 -18.69 3.33
CA PRO A 338 -3.12 -18.48 4.34
C PRO A 338 -1.92 -17.69 3.83
N ASN A 339 -2.07 -17.05 2.66
CA ASN A 339 -0.95 -16.37 2.02
C ASN A 339 -0.41 -15.20 2.84
N GLY A 340 -1.14 -14.75 3.86
CA GLY A 340 -0.70 -13.60 4.62
C GLY A 340 -0.62 -12.36 3.75
N ARG A 341 0.56 -11.73 3.72
CA ARG A 341 0.80 -10.60 2.84
C ARG A 341 1.17 -11.02 1.43
N GLY A 342 1.35 -12.32 1.17
CA GLY A 342 1.65 -12.76 -0.17
C GLY A 342 0.59 -12.37 -1.16
N ILE A 343 0.97 -12.37 -2.44
CA ILE A 343 0.09 -11.90 -3.51
C ILE A 343 -0.94 -12.97 -3.84
N ASN A 344 -2.18 -12.55 -4.09
CA ASN A 344 -3.28 -13.47 -4.40
C ASN A 344 -4.09 -12.85 -5.53
N LEU A 345 -3.76 -13.21 -6.77
CA LEU A 345 -4.48 -12.65 -7.92
C LEU A 345 -5.97 -12.97 -7.90
N PRO A 346 -6.43 -14.16 -7.52
CA PRO A 346 -7.89 -14.37 -7.44
C PRO A 346 -8.58 -13.41 -6.48
N MET A 347 -8.08 -13.27 -5.26
CA MET A 347 -8.75 -12.40 -4.30
C MET A 347 -8.74 -10.95 -4.78
N ASN A 348 -7.65 -10.51 -5.41
CA ASN A 348 -7.62 -9.19 -6.03
C ASN A 348 -8.78 -9.01 -6.99
N THR A 349 -8.87 -9.89 -8.00
CA THR A 349 -9.97 -9.81 -8.96
C THR A 349 -11.32 -10.00 -8.28
N LYS A 350 -11.35 -10.76 -7.18
CA LYS A 350 -12.62 -11.02 -6.49
C LYS A 350 -13.10 -9.78 -5.74
N ASP A 351 -12.20 -9.10 -5.04
CA ASP A 351 -12.59 -7.88 -4.33
C ASP A 351 -13.09 -6.80 -5.30
N ILE A 352 -12.44 -6.68 -6.46
CA ILE A 352 -12.89 -5.74 -7.49
C ILE A 352 -14.36 -5.99 -7.83
N SER A 353 -14.73 -7.27 -8.00
CA SER A 353 -16.13 -7.62 -8.24
C SER A 353 -17.00 -7.13 -7.10
N ILE A 354 -16.61 -7.46 -5.86
CA ILE A 354 -17.38 -7.06 -4.69
C ILE A 354 -17.51 -5.54 -4.62
N MET A 355 -16.45 -4.81 -4.96
CA MET A 355 -16.50 -3.35 -4.89
C MET A 355 -17.49 -2.80 -5.90
N LYS A 356 -17.49 -3.33 -7.12
CA LYS A 356 -18.52 -2.96 -8.09
C LYS A 356 -19.89 -3.45 -7.64
N TRP A 357 -19.95 -4.63 -7.04
CA TRP A 357 -21.18 -5.12 -6.43
C TRP A 357 -21.70 -4.14 -5.39
N GLN A 358 -20.80 -3.60 -4.56
CA GLN A 358 -21.16 -2.71 -3.46
C GLN A 358 -21.25 -1.25 -3.87
N HIS A 359 -21.03 -0.95 -5.15
CA HIS A 359 -21.20 0.41 -5.69
C HIS A 359 -20.14 1.37 -5.12
N ALA A 360 -18.89 0.94 -5.13
CA ALA A 360 -17.76 1.75 -4.69
C ALA A 360 -16.95 2.21 -5.90
N ASN A 361 -15.87 2.95 -5.62
CA ASN A 361 -15.05 3.49 -6.70
C ASN A 361 -13.61 3.70 -6.26
N SER A 362 -13.39 3.79 -4.95
CA SER A 362 -12.09 4.15 -4.40
C SER A 362 -11.66 3.15 -3.35
N PHE A 363 -10.36 3.17 -3.07
CA PHE A 363 -9.79 2.54 -1.89
C PHE A 363 -8.34 2.99 -1.78
N ARG A 364 -7.72 2.68 -0.65
CA ARG A 364 -6.41 3.18 -0.30
C ARG A 364 -5.46 2.01 -0.05
N THR A 365 -4.23 2.13 -0.53
CA THR A 365 -3.23 1.08 -0.34
C THR A 365 -2.72 1.07 1.11
N SER A 366 -3.64 1.02 2.07
CA SER A 366 -3.27 1.00 3.47
C SER A 366 -2.67 -0.35 3.86
N HIS A 367 -1.49 -0.34 4.46
CA HIS A 367 -0.65 0.85 4.68
C HIS A 367 0.71 0.65 4.01
N TYR A 368 0.72 0.33 2.72
CA TYR A 368 1.94 -0.03 2.00
C TYR A 368 1.61 -0.11 0.52
N PRO A 369 2.59 0.07 -0.36
CA PRO A 369 2.35 -0.16 -1.79
C PRO A 369 1.86 -1.59 -2.02
N TYR A 370 0.89 -1.74 -2.92
CA TYR A 370 0.33 -3.05 -3.19
C TYR A 370 1.17 -3.74 -4.27
N SER A 371 0.60 -4.71 -4.96
CA SER A 371 1.31 -5.37 -6.05
C SER A 371 1.15 -4.58 -7.34
N GLU A 372 2.15 -4.68 -8.21
CA GLU A 372 2.02 -4.16 -9.57
C GLU A 372 0.85 -4.83 -10.26
N GLU A 373 0.69 -6.15 -10.06
CA GLU A 373 -0.37 -6.91 -10.70
C GLU A 373 -1.75 -6.40 -10.32
N MET A 374 -1.87 -5.75 -9.16
CA MET A 374 -3.15 -5.18 -8.73
C MET A 374 -3.34 -3.75 -9.23
N MET A 375 -2.28 -2.95 -9.25
CA MET A 375 -2.40 -1.57 -9.73
C MET A 375 -2.83 -1.54 -11.19
N ARG A 376 -2.18 -2.36 -12.02
CA ARG A 376 -2.62 -2.53 -13.40
C ARG A 376 -4.05 -3.05 -13.45
N LEU A 377 -4.39 -3.98 -12.55
CA LEU A 377 -5.75 -4.50 -12.49
C LEU A 377 -6.73 -3.40 -12.10
N CYS A 378 -6.29 -2.41 -11.34
CA CYS A 378 -7.13 -1.25 -11.05
C CYS A 378 -7.21 -0.29 -12.22
N ASP A 379 -6.22 -0.30 -13.11
CA ASP A 379 -6.32 0.48 -14.34
C ASP A 379 -7.37 -0.11 -15.27
N GLU A 380 -7.43 -1.44 -15.38
CA GLU A 380 -8.34 -2.08 -16.31
C GLU A 380 -9.80 -1.89 -15.88
N GLU A 381 -10.08 -1.96 -14.58
CA GLU A 381 -11.45 -1.91 -14.12
C GLU A 381 -11.94 -0.50 -13.78
N GLY A 382 -11.02 0.45 -13.63
CA GLY A 382 -11.40 1.82 -13.35
C GLY A 382 -11.69 2.10 -11.89
N ILE A 383 -10.76 1.70 -11.02
CA ILE A 383 -10.91 1.88 -9.57
C ILE A 383 -9.95 3.00 -9.14
N VAL A 384 -10.51 4.04 -8.54
CA VAL A 384 -9.69 5.11 -7.99
C VAL A 384 -8.86 4.58 -6.82
N VAL A 385 -7.59 4.95 -6.79
CA VAL A 385 -6.65 4.45 -5.78
C VAL A 385 -5.96 5.63 -5.11
N ILE A 386 -5.79 5.55 -3.79
CA ILE A 386 -4.98 6.47 -3.01
C ILE A 386 -3.73 5.71 -2.62
N ASP A 387 -2.62 5.95 -3.32
CA ASP A 387 -1.41 5.18 -3.06
C ASP A 387 -0.75 5.66 -1.78
N GLU A 388 -0.12 4.73 -1.07
CA GLU A 388 0.42 4.99 0.25
C GLU A 388 1.77 4.29 0.40
N THR A 389 2.64 4.91 1.20
CA THR A 389 3.98 4.38 1.46
C THR A 389 3.96 3.52 2.73
N THR A 390 5.09 2.88 3.00
CA THR A 390 5.29 2.02 4.18
C THR A 390 5.42 2.82 5.49
N ALA A 391 5.13 4.13 5.47
CA ALA A 391 5.35 5.00 6.62
C ALA A 391 4.15 4.94 7.57
N VAL A 392 4.06 3.84 8.30
CA VAL A 392 3.11 3.69 9.39
C VAL A 392 3.90 3.27 10.62
N GLY A 393 3.55 3.83 11.78
CA GLY A 393 4.29 3.62 13.00
C GLY A 393 5.21 4.75 13.39
N VAL A 394 5.23 5.85 12.64
CA VAL A 394 6.04 7.01 12.97
C VAL A 394 5.30 7.80 14.06
N ASN A 395 5.10 7.18 15.21
CA ASN A 395 4.33 7.80 16.30
C ASN A 395 4.69 7.05 17.57
N LEU A 396 5.34 7.75 18.50
CA LEU A 396 5.80 7.15 19.76
C LEU A 396 4.91 7.51 20.93
N GLN A 397 3.68 7.97 20.67
CA GLN A 397 2.67 8.07 21.71
C GLN A 397 1.86 6.78 21.85
N PHE A 398 1.92 5.90 20.85
CA PHE A 398 1.24 4.61 20.91
C PHE A 398 1.78 3.78 22.06
N GLY A 399 0.87 3.09 22.75
CA GLY A 399 1.22 2.43 24.00
C GLY A 399 1.80 3.43 24.98
N GLY A 400 2.75 2.95 25.78
CA GLY A 400 3.56 3.85 26.56
C GLY A 400 4.82 4.19 25.79
N GLY A 401 4.99 5.46 25.43
CA GLY A 401 6.17 5.88 24.69
C GLY A 401 7.46 5.45 25.36
N ALA A 402 8.51 5.25 24.56
CA ALA A 402 9.79 4.85 25.12
C ALA A 402 10.28 5.87 26.14
N ASN A 403 11.03 5.39 27.12
CA ASN A 403 11.48 6.21 28.25
C ASN A 403 12.98 5.98 28.45
N PHE A 404 13.80 6.77 27.73
CA PHE A 404 15.25 6.63 27.87
C PHE A 404 15.72 7.11 29.23
N GLY A 405 15.45 8.38 29.56
CA GLY A 405 15.96 8.95 30.79
C GLY A 405 14.88 9.19 31.82
N GLY A 406 14.10 8.15 32.12
CA GLY A 406 13.00 8.26 33.06
C GLY A 406 11.84 9.11 32.58
N GLU A 407 11.99 9.85 31.48
CA GLU A 407 10.93 10.69 30.94
C GLU A 407 10.62 10.24 29.51
N ARG A 408 9.38 10.47 29.10
CA ARG A 408 8.92 10.00 27.79
C ARG A 408 9.76 10.61 26.67
N ILE A 409 9.72 9.95 25.51
CA ILE A 409 10.47 10.38 24.33
C ILE A 409 9.47 10.89 23.30
N GLY A 410 9.70 12.11 22.81
CA GLY A 410 8.96 12.58 21.65
C GLY A 410 9.25 11.75 20.42
N THR A 411 8.38 11.89 19.43
CA THR A 411 8.51 11.07 18.23
C THR A 411 9.78 11.41 17.44
N PHE A 412 10.08 12.69 17.31
CA PHE A 412 11.16 13.14 16.44
C PHE A 412 12.37 13.67 17.22
N ASP A 413 12.55 13.20 18.46
CA ASP A 413 13.81 13.41 19.16
C ASP A 413 14.95 12.96 18.26
N LYS A 414 16.01 13.78 18.21
CA LYS A 414 17.10 13.50 17.29
C LYS A 414 17.96 12.33 17.75
N GLU A 415 17.96 12.00 19.04
CA GLU A 415 18.84 10.99 19.60
C GLU A 415 18.13 9.69 19.97
N HIS A 416 16.91 9.75 20.47
CA HIS A 416 16.22 8.57 20.97
C HIS A 416 14.87 8.39 20.30
N GLY A 417 14.72 8.84 19.06
CA GLY A 417 13.45 8.76 18.38
C GLY A 417 13.52 8.11 17.00
N VAL A 418 12.56 8.44 16.14
CA VAL A 418 12.47 7.85 14.81
C VAL A 418 13.72 8.20 14.01
N GLN A 419 14.32 7.19 13.39
CA GLN A 419 15.49 7.38 12.54
C GLN A 419 15.20 6.90 11.12
N THR A 420 14.10 7.39 10.54
CA THR A 420 13.61 6.87 9.27
C THR A 420 13.62 7.87 8.13
N GLN A 421 13.90 9.15 8.38
CA GLN A 421 13.71 10.17 7.35
C GLN A 421 14.50 9.86 6.09
N GLU A 422 15.69 9.28 6.24
CA GLU A 422 16.48 8.91 5.07
C GLU A 422 15.78 7.82 4.27
N HIS A 423 15.55 6.66 4.88
CA HIS A 423 14.86 5.58 4.17
C HIS A 423 13.46 5.98 3.74
N HIS A 424 12.82 6.89 4.49
CA HIS A 424 11.51 7.41 4.09
C HIS A 424 11.57 8.02 2.69
N LYS A 425 12.67 8.70 2.38
CA LYS A 425 12.79 9.38 1.10
C LYS A 425 12.89 8.40 -0.06
N ASP A 426 13.76 7.40 0.08
CA ASP A 426 13.93 6.40 -0.98
C ASP A 426 12.60 5.71 -1.30
N VAL A 427 11.80 5.44 -0.27
CA VAL A 427 10.50 4.79 -0.49
C VAL A 427 9.61 5.67 -1.34
N ILE A 428 9.57 6.98 -1.05
CA ILE A 428 8.80 7.91 -1.88
C ILE A 428 9.32 7.89 -3.31
N ARG A 429 10.65 7.83 -3.48
CA ARG A 429 11.22 7.79 -4.82
C ARG A 429 10.86 6.47 -5.52
N ASP A 430 11.24 5.34 -4.91
CA ASP A 430 10.99 4.04 -5.53
C ASP A 430 9.51 3.80 -5.79
N LEU A 431 8.63 4.31 -4.93
CA LEU A 431 7.20 4.13 -5.16
C LEU A 431 6.73 4.95 -6.37
N ILE A 432 6.99 6.25 -6.36
CA ILE A 432 6.56 7.09 -7.49
C ILE A 432 7.33 6.73 -8.76
N SER A 433 8.58 6.31 -8.63
CA SER A 433 9.31 5.80 -9.79
C SER A 433 8.76 4.47 -10.30
N ARG A 434 7.71 3.94 -9.68
CA ARG A 434 7.07 2.69 -10.09
C ARG A 434 5.64 2.88 -10.55
N ASP A 435 4.84 3.61 -9.78
CA ASP A 435 3.42 3.77 -10.06
C ASP A 435 3.08 5.11 -10.72
N LYS A 436 4.06 5.78 -11.32
CA LYS A 436 3.80 7.09 -11.91
C LYS A 436 2.90 7.03 -13.12
N ASN A 437 2.76 5.87 -13.76
CA ASN A 437 2.00 5.72 -15.00
C ASN A 437 0.73 4.90 -14.79
N HIS A 438 0.01 5.18 -13.70
CA HIS A 438 -1.27 4.53 -13.42
C HIS A 438 -2.32 5.62 -13.25
N ALA A 439 -3.36 5.56 -14.09
CA ALA A 439 -4.46 6.53 -13.97
C ALA A 439 -5.29 6.28 -12.73
N CYS A 440 -5.25 5.07 -12.17
CA CYS A 440 -5.99 4.79 -10.95
C CYS A 440 -5.47 5.60 -9.77
N VAL A 441 -4.21 6.02 -9.83
CA VAL A 441 -3.57 6.72 -8.72
C VAL A 441 -3.86 8.21 -8.87
N VAL A 442 -4.67 8.75 -7.95
CA VAL A 442 -5.07 10.15 -7.97
C VAL A 442 -4.53 10.91 -6.78
N MET A 443 -3.65 10.29 -5.99
CA MET A 443 -3.12 10.88 -4.75
C MET A 443 -2.05 10.00 -4.11
N TRP A 444 -1.10 10.63 -3.41
CA TRP A 444 -0.10 9.92 -2.64
C TRP A 444 -0.29 10.23 -1.15
N SER A 445 -0.19 9.19 -0.32
CA SER A 445 -0.25 9.32 1.13
C SER A 445 1.15 9.08 1.68
N ILE A 446 1.75 10.13 2.26
CA ILE A 446 3.13 10.06 2.68
C ILE A 446 3.28 9.23 3.96
N ALA A 447 2.23 9.16 4.78
CA ALA A 447 2.29 8.40 6.02
C ALA A 447 0.89 8.14 6.53
N ASN A 448 0.77 7.07 7.33
CA ASN A 448 -0.46 6.75 8.06
C ASN A 448 -0.25 7.07 9.52
N GLU A 449 -1.23 7.77 10.12
CA GLU A 449 -1.31 8.11 11.52
C GLU A 449 0.06 8.34 12.18
N PRO A 450 0.80 9.39 11.77
CA PRO A 450 2.05 9.71 12.46
C PRO A 450 1.84 10.80 13.50
N ASP A 451 2.87 11.12 14.28
CA ASP A 451 2.76 12.20 15.25
C ASP A 451 2.75 13.56 14.55
N SER A 452 1.71 13.81 13.76
CA SER A 452 1.60 14.99 12.92
C SER A 452 1.26 16.25 13.71
N ALA A 453 1.45 16.24 15.03
CA ALA A 453 1.19 17.41 15.86
C ALA A 453 2.23 17.59 16.96
N ALA A 454 3.37 16.91 16.86
CA ALA A 454 4.44 16.99 17.85
C ALA A 454 5.58 17.87 17.33
N GLU A 455 6.47 18.26 18.26
CA GLU A 455 7.67 18.97 17.86
C GLU A 455 8.51 18.10 16.93
N GLY A 456 8.83 18.63 15.76
CA GLY A 456 9.52 17.88 14.72
C GLY A 456 8.62 17.40 13.61
N ALA A 457 7.30 17.52 13.76
CA ALA A 457 6.38 17.02 12.73
C ALA A 457 6.61 17.72 11.40
N TYR A 458 6.45 19.04 11.37
CA TYR A 458 6.62 19.80 10.13
C TYR A 458 7.99 19.57 9.51
N ASP A 459 9.05 19.82 10.29
CA ASP A 459 10.40 19.71 9.77
C ASP A 459 10.72 18.30 9.30
N TYR A 460 9.94 17.29 9.71
CA TYR A 460 10.15 15.93 9.24
C TYR A 460 9.50 15.72 7.86
N PHE A 461 8.24 16.15 7.73
CA PHE A 461 7.47 15.82 6.54
C PHE A 461 7.67 16.81 5.39
N LYS A 462 8.10 18.04 5.68
CA LYS A 462 8.33 19.06 4.66
C LYS A 462 9.20 18.56 3.51
N PRO A 463 10.42 18.05 3.76
CA PRO A 463 11.23 17.57 2.63
C PRO A 463 10.61 16.38 1.93
N LEU A 464 9.82 15.57 2.63
CA LEU A 464 9.13 14.44 2.02
C LEU A 464 7.98 14.90 1.15
N TYR A 465 7.21 15.90 1.61
CA TYR A 465 6.15 16.46 0.80
C TYR A 465 6.69 17.06 -0.49
N ASP A 466 7.86 17.69 -0.42
CA ASP A 466 8.44 18.33 -1.60
C ASP A 466 8.96 17.30 -2.58
N LEU A 467 9.72 16.32 -2.09
CA LEU A 467 10.18 15.21 -2.93
C LEU A 467 9.01 14.55 -3.64
N ALA A 468 7.85 14.47 -2.99
CA ALA A 468 6.66 13.95 -3.64
C ALA A 468 6.24 14.84 -4.80
N ARG A 469 6.23 16.16 -4.59
CA ARG A 469 5.84 17.08 -5.66
C ARG A 469 6.89 17.14 -6.77
N GLU A 470 8.15 16.90 -6.43
CA GLU A 470 9.22 17.05 -7.41
C GLU A 470 9.21 15.91 -8.43
N LEU A 471 8.87 14.70 -8.00
CA LEU A 471 9.09 13.49 -8.78
C LEU A 471 7.85 12.97 -9.48
N ASP A 472 6.68 13.58 -9.27
CA ASP A 472 5.48 13.09 -9.93
C ASP A 472 5.23 13.94 -11.17
N PRO A 473 5.49 13.43 -12.39
CA PRO A 473 5.35 14.27 -13.59
C PRO A 473 3.92 14.69 -13.91
N GLN A 474 3.02 14.49 -12.95
CA GLN A 474 1.63 14.90 -13.09
C GLN A 474 1.17 15.86 -12.02
N LYS A 475 1.98 16.11 -10.98
CA LYS A 475 1.64 17.00 -9.87
C LYS A 475 0.31 16.57 -9.23
N ARG A 476 0.28 15.32 -8.79
CA ARG A 476 -0.88 14.77 -8.13
C ARG A 476 -1.01 15.33 -6.72
N PRO A 477 -2.21 15.28 -6.14
CA PRO A 477 -2.37 15.66 -4.73
C PRO A 477 -1.52 14.76 -3.83
N CYS A 478 -1.15 15.31 -2.68
CA CYS A 478 -0.39 14.60 -1.66
C CYS A 478 -1.01 14.87 -0.30
N THR A 479 -0.88 13.90 0.61
CA THR A 479 -1.51 14.01 1.92
C THR A 479 -0.84 13.05 2.90
N LEU A 480 -1.31 13.11 4.14
CA LEU A 480 -1.12 12.05 5.11
C LEU A 480 -2.39 11.96 5.94
N VAL A 481 -2.71 10.76 6.41
CA VAL A 481 -3.92 10.56 7.18
C VAL A 481 -3.61 10.78 8.65
N SER A 482 -4.54 11.43 9.36
CA SER A 482 -4.27 12.02 10.67
C SER A 482 -4.86 11.18 11.80
N VAL A 483 -4.08 11.02 12.87
CA VAL A 483 -4.54 10.30 14.06
C VAL A 483 -5.72 11.04 14.68
N GLN A 484 -6.46 10.33 15.54
CA GLN A 484 -7.48 10.97 16.35
C GLN A 484 -6.80 11.90 17.36
N GLY A 485 -7.53 12.94 17.76
CA GLY A 485 -7.00 13.98 18.63
C GLY A 485 -6.33 15.12 17.89
N THR A 486 -5.91 14.88 16.65
CA THR A 486 -5.38 15.94 15.81
C THR A 486 -6.51 16.88 15.37
N THR A 487 -6.31 18.19 15.59
CA THR A 487 -7.28 19.19 15.19
C THR A 487 -6.68 20.05 14.08
N ALA A 488 -7.54 20.90 13.50
CA ALA A 488 -7.13 21.70 12.35
C ALA A 488 -6.01 22.67 12.71
N ASP A 489 -6.07 23.28 13.88
CA ASP A 489 -5.08 24.28 14.26
C ASP A 489 -3.77 23.68 14.75
N THR A 490 -3.66 22.36 14.89
CA THR A 490 -2.49 21.73 15.46
C THR A 490 -1.82 20.71 14.55
N ASP A 491 -2.33 20.49 13.34
CA ASP A 491 -1.84 19.43 12.47
C ASP A 491 -0.86 20.00 11.45
N CYS A 492 0.33 19.39 11.38
CA CYS A 492 1.27 19.77 10.33
C CYS A 492 0.72 19.52 8.93
N SER A 493 -0.37 18.77 8.82
CA SER A 493 -1.03 18.53 7.53
C SER A 493 -2.01 19.64 7.16
N SER A 494 -2.40 20.49 8.12
CA SER A 494 -3.34 21.56 7.82
C SER A 494 -2.77 22.54 6.80
N GLN A 495 -1.44 22.65 6.69
CA GLN A 495 -0.79 23.57 5.76
C GLN A 495 0.41 22.84 5.13
N LEU A 496 0.10 21.75 4.43
CA LEU A 496 1.12 20.90 3.83
C LEU A 496 0.46 19.96 2.83
N SER A 497 -0.66 19.37 3.24
CA SER A 497 -1.41 18.45 2.41
C SER A 497 -2.45 19.20 1.58
N ASP A 498 -2.64 18.76 0.34
CA ASP A 498 -3.65 19.36 -0.52
C ASP A 498 -5.07 18.93 -0.15
N VAL A 499 -5.22 17.79 0.51
CA VAL A 499 -6.51 17.32 1.00
C VAL A 499 -6.31 16.82 2.43
N ILE A 500 -7.37 16.94 3.23
CA ILE A 500 -7.34 16.50 4.62
C ILE A 500 -7.97 15.12 4.69
N CYS A 501 -7.16 14.12 5.02
CA CYS A 501 -7.60 12.74 5.15
C CYS A 501 -7.57 12.35 6.63
N LEU A 502 -8.74 12.05 7.19
CA LEU A 502 -8.89 11.82 8.62
C LEU A 502 -9.18 10.35 8.93
N ASN A 503 -8.74 9.92 10.11
CA ASN A 503 -9.04 8.61 10.69
C ASN A 503 -9.70 8.87 12.04
N ARG A 504 -11.04 8.84 12.09
CA ARG A 504 -11.75 9.19 13.30
C ARG A 504 -12.74 8.11 13.70
N TYR A 505 -12.85 7.86 15.00
CA TYR A 505 -13.69 6.77 15.50
C TYR A 505 -14.71 7.27 16.53
N TYR A 506 -15.46 8.31 16.19
CA TYR A 506 -16.50 8.82 17.07
C TYR A 506 -17.63 7.80 17.16
N GLY A 507 -17.83 7.23 18.34
CA GLY A 507 -18.79 6.17 18.55
C GLY A 507 -18.19 4.80 18.76
N TRP A 508 -16.87 4.67 18.72
CA TRP A 508 -16.23 3.39 19.01
C TRP A 508 -15.15 3.57 20.07
N TYR A 509 -13.89 3.72 19.62
CA TYR A 509 -12.80 3.99 20.55
C TYR A 509 -13.10 5.22 21.40
N PHE A 510 -13.77 6.21 20.82
CA PHE A 510 -14.02 7.50 21.46
C PHE A 510 -15.53 7.75 21.47
N GLY A 511 -16.19 7.40 22.57
CA GLY A 511 -17.58 7.74 22.77
C GLY A 511 -18.55 6.59 22.84
N GLY A 512 -18.18 5.39 22.38
CA GLY A 512 -19.07 4.26 22.40
C GLY A 512 -19.33 3.75 23.81
N PRO A 513 -20.55 3.26 24.06
CA PRO A 513 -21.64 3.10 23.08
C PRO A 513 -22.65 4.22 23.00
N ASP A 514 -22.29 5.45 23.38
CA ASP A 514 -23.23 6.57 23.37
C ASP A 514 -23.15 7.28 22.02
N LEU A 515 -24.10 6.97 21.13
CA LEU A 515 -24.06 7.49 19.77
C LEU A 515 -24.58 8.91 19.66
N GLU A 516 -25.41 9.35 20.61
CA GLU A 516 -25.80 10.76 20.66
C GLU A 516 -24.58 11.64 20.94
N VAL A 517 -23.91 11.36 22.06
CA VAL A 517 -22.76 12.16 22.48
C VAL A 517 -21.66 12.11 21.43
N SER A 518 -21.41 10.92 20.88
CA SER A 518 -20.35 10.80 19.88
C SER A 518 -20.65 11.62 18.63
N GLU A 519 -21.92 11.81 18.30
CA GLU A 519 -22.28 12.62 17.14
C GLU A 519 -21.93 14.09 17.37
N ILE A 520 -22.10 14.57 18.59
CA ILE A 520 -21.80 15.97 18.90
C ILE A 520 -20.31 16.24 18.68
N GLY A 521 -19.46 15.35 19.17
CA GLY A 521 -18.03 15.54 18.99
C GLY A 521 -17.60 15.46 17.54
N LEU A 522 -18.27 14.60 16.75
CA LEU A 522 -17.91 14.48 15.34
C LEU A 522 -18.27 15.75 14.58
N ARG A 523 -19.45 16.32 14.83
CA ARG A 523 -19.82 17.59 14.22
C ARG A 523 -18.89 18.70 14.66
N LYS A 524 -18.62 18.78 15.97
CA LYS A 524 -17.74 19.81 16.50
C LYS A 524 -16.38 19.78 15.84
N GLU A 525 -15.79 18.60 15.70
CA GLU A 525 -14.49 18.51 15.06
C GLU A 525 -14.56 18.69 13.55
N LEU A 526 -15.71 18.40 12.94
CA LEU A 526 -15.79 18.50 11.49
C LEU A 526 -16.02 19.94 11.04
N SER A 527 -16.86 20.68 11.76
CA SER A 527 -16.99 22.11 11.49
C SER A 527 -15.66 22.83 11.63
N ASP A 528 -14.81 22.35 12.54
CA ASP A 528 -13.52 23.00 12.79
C ASP A 528 -12.50 22.71 11.69
N TRP A 529 -12.70 21.67 10.88
CA TRP A 529 -11.81 21.42 9.75
C TRP A 529 -12.23 22.17 8.49
N GLY A 530 -13.51 22.51 8.36
CA GLY A 530 -13.97 23.26 7.21
C GLY A 530 -13.27 24.59 7.00
N LYS A 531 -12.82 25.22 8.09
CA LYS A 531 -12.13 26.52 8.04
C LYS A 531 -10.78 26.47 7.33
N LEU A 532 -10.40 25.40 6.63
CA LEU A 532 -9.15 25.41 5.88
C LEU A 532 -9.35 25.72 4.40
N GLY A 533 -10.58 25.61 3.89
CA GLY A 533 -10.81 25.79 2.47
C GLY A 533 -10.20 24.69 1.64
N LYS A 534 -9.86 23.57 2.29
CA LYS A 534 -9.35 22.38 1.66
C LYS A 534 -10.38 21.26 1.72
N PRO A 535 -10.29 20.26 0.85
CA PRO A 535 -11.21 19.14 0.95
C PRO A 535 -10.88 18.24 2.12
N VAL A 536 -11.91 17.63 2.70
CA VAL A 536 -11.76 16.72 3.83
C VAL A 536 -12.27 15.34 3.41
N MET A 537 -11.47 14.31 3.67
CA MET A 537 -11.83 12.94 3.37
C MET A 537 -11.64 12.09 4.62
N PHE A 538 -12.53 11.15 4.83
CA PHE A 538 -12.37 10.18 5.92
C PHE A 538 -11.76 8.91 5.33
N THR A 539 -10.58 8.52 5.83
CA THR A 539 -9.91 7.33 5.35
C THR A 539 -10.07 6.13 6.29
N GLU A 540 -10.45 6.37 7.54
CA GLU A 540 -10.74 5.32 8.50
C GLU A 540 -11.91 5.73 9.37
N TYR A 541 -12.92 4.88 9.45
CA TYR A 541 -13.92 4.94 10.50
C TYR A 541 -14.66 3.62 10.49
N GLY A 542 -14.81 3.01 11.66
CA GLY A 542 -15.38 1.67 11.72
C GLY A 542 -15.64 1.26 13.15
N ALA A 543 -16.03 0.00 13.31
CA ALA A 543 -16.37 -0.55 14.61
C ALA A 543 -16.21 -2.06 14.53
N ASP A 544 -15.50 -2.64 15.49
CA ASP A 544 -15.30 -4.08 15.49
C ASP A 544 -16.64 -4.79 15.57
N THR A 545 -16.78 -5.85 14.77
CA THR A 545 -18.05 -6.56 14.63
C THR A 545 -17.76 -8.03 14.36
N VAL A 546 -18.19 -8.89 15.30
CA VAL A 546 -18.05 -10.34 15.10
C VAL A 546 -19.24 -10.83 14.29
N SER A 547 -18.97 -11.44 13.14
CA SER A 547 -20.05 -11.91 12.28
C SER A 547 -20.93 -12.91 13.03
N GLY A 548 -22.24 -12.69 12.98
CA GLY A 548 -23.18 -13.55 13.65
C GLY A 548 -23.64 -13.06 15.00
N LEU A 549 -23.09 -11.96 15.50
CA LEU A 549 -23.53 -11.38 16.77
C LEU A 549 -24.61 -10.34 16.49
N HIS A 550 -25.77 -10.52 17.12
CA HIS A 550 -26.94 -9.71 16.81
C HIS A 550 -27.65 -9.32 18.09
N ASP A 551 -28.46 -8.26 17.99
CA ASP A 551 -29.50 -7.95 18.98
C ASP A 551 -30.37 -6.83 18.42
N THR A 552 -31.64 -6.87 18.80
CA THR A 552 -32.56 -5.80 18.43
C THR A 552 -32.22 -4.50 19.15
N THR A 553 -32.04 -4.57 20.47
CA THR A 553 -31.44 -3.48 21.24
C THR A 553 -29.92 -3.63 21.15
N SER A 554 -29.31 -2.90 20.21
CA SER A 554 -27.93 -3.16 19.82
C SER A 554 -26.94 -2.76 20.90
N VAL A 555 -25.92 -3.60 21.08
CA VAL A 555 -24.77 -3.29 21.93
C VAL A 555 -23.52 -3.41 21.06
N MET A 556 -22.38 -3.01 21.62
CA MET A 556 -21.14 -3.04 20.87
C MET A 556 -20.80 -4.47 20.44
N TYR A 557 -20.08 -4.56 19.32
CA TYR A 557 -19.57 -5.78 18.69
C TYR A 557 -20.66 -6.53 17.92
N THR A 558 -21.90 -6.04 17.89
CA THR A 558 -22.96 -6.68 17.13
C THR A 558 -23.03 -6.08 15.73
N GLU A 559 -23.66 -6.83 14.82
CA GLU A 559 -23.82 -6.32 13.45
C GLU A 559 -24.73 -5.10 13.41
N GLU A 560 -25.60 -4.95 14.41
CA GLU A 560 -26.53 -3.83 14.40
C GLU A 560 -25.84 -2.54 14.85
N TYR A 561 -25.02 -2.61 15.91
CA TYR A 561 -24.26 -1.43 16.31
C TYR A 561 -23.38 -0.93 15.18
N GLN A 562 -22.77 -1.84 14.42
CA GLN A 562 -21.90 -1.45 13.31
C GLN A 562 -22.67 -0.59 12.31
N VAL A 563 -23.93 -0.94 12.03
CA VAL A 563 -24.73 -0.16 11.09
C VAL A 563 -25.09 1.20 11.70
N GLU A 564 -25.56 1.20 12.95
CA GLU A 564 -25.90 2.45 13.61
C GLU A 564 -24.70 3.38 13.69
N TYR A 565 -23.52 2.82 13.94
CA TYR A 565 -22.29 3.60 13.93
C TYR A 565 -22.12 4.35 12.61
N TYR A 566 -22.20 3.62 11.49
CA TYR A 566 -22.06 4.26 10.19
C TYR A 566 -23.25 5.14 9.86
N GLU A 567 -24.44 4.83 10.36
CA GLU A 567 -25.59 5.68 10.14
C GLU A 567 -25.39 7.06 10.77
N MET A 568 -24.88 7.09 12.00
CA MET A 568 -24.62 8.36 12.68
C MET A 568 -23.55 9.16 11.94
N ASN A 569 -22.41 8.53 11.62
CA ASN A 569 -21.32 9.24 10.99
C ASN A 569 -21.73 9.79 9.62
N ASN A 570 -22.20 8.92 8.72
CA ASN A 570 -22.61 9.38 7.40
C ASN A 570 -23.68 10.46 7.47
N LYS A 571 -24.54 10.43 8.48
CA LYS A 571 -25.51 11.51 8.66
C LYS A 571 -24.82 12.85 8.87
N VAL A 572 -23.62 12.84 9.47
CA VAL A 572 -22.87 14.07 9.72
C VAL A 572 -22.02 14.46 8.51
N PHE A 573 -21.43 13.47 7.83
CA PHE A 573 -20.66 13.73 6.61
C PHE A 573 -21.50 14.50 5.59
N ASP A 574 -22.76 14.09 5.42
CA ASP A 574 -23.63 14.74 4.44
C ASP A 574 -23.96 16.18 4.81
N GLU A 575 -23.83 16.55 6.08
CA GLU A 575 -24.12 17.91 6.53
C GLU A 575 -23.05 18.92 6.13
N PHE A 576 -21.95 18.47 5.53
CA PHE A 576 -20.83 19.34 5.22
C PHE A 576 -20.41 19.13 3.78
N ASP A 577 -20.32 20.22 3.02
CA ASP A 577 -20.06 20.18 1.59
C ASP A 577 -18.57 20.12 1.26
N PHE A 578 -17.70 20.16 2.27
CA PHE A 578 -16.26 20.02 2.05
C PHE A 578 -15.77 18.59 2.26
N VAL A 579 -16.64 17.70 2.74
CA VAL A 579 -16.31 16.28 2.83
C VAL A 579 -16.51 15.68 1.45
N VAL A 580 -15.42 15.27 0.81
CA VAL A 580 -15.47 14.74 -0.55
C VAL A 580 -15.11 13.25 -0.57
N GLY A 581 -15.20 12.58 0.57
CA GLY A 581 -14.87 11.17 0.61
C GLY A 581 -15.21 10.48 1.93
N GLU A 582 -15.87 9.34 1.83
CA GLU A 582 -16.03 8.42 2.94
C GLU A 582 -15.37 7.10 2.55
N GLN A 583 -14.41 6.66 3.34
CA GLN A 583 -13.73 5.39 3.11
C GLN A 583 -13.81 4.57 4.38
N ALA A 584 -14.48 3.43 4.32
CA ALA A 584 -14.71 2.62 5.50
C ALA A 584 -13.44 1.91 5.93
N TRP A 585 -13.37 1.58 7.22
CA TRP A 585 -12.29 0.79 7.78
C TRP A 585 -12.91 -0.32 8.61
N ASN A 586 -12.74 -1.57 8.17
CA ASN A 586 -11.91 -1.94 7.02
C ASN A 586 -12.77 -2.60 5.91
N PHE A 587 -12.14 -2.93 4.79
CA PHE A 587 -12.82 -3.68 3.73
C PHE A 587 -13.17 -5.09 4.21
N ALA A 588 -12.18 -5.80 4.75
CA ALA A 588 -12.39 -7.14 5.28
C ALA A 588 -11.63 -7.27 6.60
N ASP A 589 -12.02 -8.27 7.39
CA ASP A 589 -11.28 -8.61 8.61
C ASP A 589 -9.87 -9.08 8.25
N PHE A 590 -8.94 -8.85 9.17
CA PHE A 590 -7.55 -9.21 8.91
C PHE A 590 -6.81 -9.46 10.22
N ALA A 591 -5.68 -10.15 10.10
CA ALA A 591 -4.95 -10.62 11.27
C ALA A 591 -4.06 -9.52 11.84
N THR A 592 -3.92 -9.54 13.17
CA THR A 592 -3.08 -8.58 13.87
C THR A 592 -2.19 -9.29 14.89
N SER A 593 -1.45 -8.52 15.70
CA SER A 593 -0.79 -9.12 16.83
C SER A 593 -1.81 -9.38 17.94
N GLN A 594 -1.47 -10.32 18.83
CA GLN A 594 -2.40 -10.73 19.86
C GLN A 594 -2.49 -9.69 20.97
N SER A 595 -3.73 -9.33 21.32
CA SER A 595 -3.99 -8.34 22.35
C SER A 595 -5.38 -8.61 22.91
N LEU A 596 -5.67 -8.01 24.08
CA LEU A 596 -6.99 -8.16 24.67
C LEU A 596 -8.05 -7.45 23.83
N LEU A 597 -7.67 -6.38 23.14
CA LEU A 597 -8.60 -5.60 22.35
C LEU A 597 -8.76 -6.11 20.93
N ARG A 598 -8.15 -7.25 20.60
CA ARG A 598 -8.17 -7.77 19.24
C ARG A 598 -8.75 -9.19 19.27
N VAL A 599 -10.00 -9.32 18.83
CA VAL A 599 -10.73 -10.60 18.89
C VAL A 599 -10.35 -11.35 17.61
N GLN A 600 -9.28 -12.14 17.69
CA GLN A 600 -8.74 -12.89 16.55
C GLN A 600 -8.37 -11.97 15.38
N GLY A 601 -7.98 -10.73 15.68
CA GLY A 601 -7.61 -9.78 14.67
C GLY A 601 -8.54 -8.58 14.63
N ASN A 602 -8.40 -7.79 13.56
CA ASN A 602 -9.20 -6.58 13.40
C ASN A 602 -10.52 -6.94 12.73
N LYS A 603 -11.60 -6.95 13.52
CA LYS A 603 -12.92 -7.29 13.03
C LYS A 603 -13.71 -6.08 12.53
N LYS A 604 -13.05 -4.95 12.29
CA LYS A 604 -13.74 -3.76 11.82
C LYS A 604 -14.18 -3.84 10.37
N GLY A 605 -13.90 -4.95 9.69
CA GLY A 605 -14.20 -5.02 8.27
C GLY A 605 -15.69 -5.11 7.99
N LEU A 606 -16.08 -4.61 6.81
CA LEU A 606 -17.44 -4.79 6.33
C LEU A 606 -17.67 -6.24 5.90
N PHE A 607 -16.64 -6.88 5.36
CA PHE A 607 -16.67 -8.29 5.00
C PHE A 607 -15.74 -9.06 5.94
N THR A 608 -15.90 -10.38 5.93
CA THR A 608 -15.02 -11.26 6.68
C THR A 608 -13.77 -11.55 5.87
N ARG A 609 -12.84 -12.28 6.49
CA ARG A 609 -11.56 -12.55 5.82
C ARG A 609 -11.75 -13.45 4.62
N ASP A 610 -12.75 -14.33 4.65
CA ASP A 610 -13.14 -15.12 3.48
C ASP A 610 -14.12 -14.38 2.59
N ARG A 611 -14.21 -13.05 2.74
CA ARG A 611 -14.97 -12.14 1.88
C ARG A 611 -16.48 -12.31 1.99
N LYS A 612 -16.97 -13.01 3.02
CA LYS A 612 -18.42 -13.06 3.18
C LYS A 612 -18.94 -11.77 3.81
N PRO A 613 -20.07 -11.26 3.35
CA PRO A 613 -20.54 -9.94 3.80
C PRO A 613 -21.20 -9.96 5.16
N LYS A 614 -21.05 -8.85 5.87
CA LYS A 614 -21.83 -8.57 7.07
C LYS A 614 -23.01 -7.70 6.70
N MET A 615 -23.91 -7.49 7.67
CA MET A 615 -25.10 -6.69 7.42
C MET A 615 -24.76 -5.27 6.97
N VAL A 616 -23.56 -4.78 7.30
CA VAL A 616 -23.19 -3.42 6.94
C VAL A 616 -22.78 -3.34 5.47
N ALA A 617 -22.27 -4.43 4.89
CA ALA A 617 -21.96 -4.42 3.47
C ALA A 617 -23.21 -4.17 2.64
N HIS A 618 -24.38 -4.55 3.16
CA HIS A 618 -25.63 -4.30 2.48
C HIS A 618 -26.15 -2.89 2.78
N TYR A 619 -25.81 -2.33 3.95
CA TYR A 619 -26.11 -0.93 4.21
C TYR A 619 -25.35 -0.04 3.23
N PHE A 620 -24.03 -0.21 3.15
CA PHE A 620 -23.22 0.62 2.27
C PHE A 620 -23.60 0.41 0.81
N ARG A 621 -24.00 -0.81 0.44
CA ARG A 621 -24.38 -1.06 -0.94
C ARG A 621 -25.66 -0.31 -1.31
N ASN A 622 -26.61 -0.22 -0.39
CA ASN A 622 -27.81 0.57 -0.66
C ASN A 622 -27.51 2.06 -0.63
N ARG A 623 -26.65 2.49 0.28
CA ARG A 623 -26.29 3.91 0.36
C ARG A 623 -25.52 4.34 -0.87
N TRP A 624 -24.46 3.62 -1.21
CA TRP A 624 -23.61 3.97 -2.35
C TRP A 624 -24.30 3.76 -3.68
N SER A 625 -25.49 3.17 -3.71
CA SER A 625 -26.22 2.99 -4.95
C SER A 625 -26.83 4.29 -5.45
N THR A 626 -27.21 5.18 -4.53
CA THR A 626 -27.84 6.45 -4.88
C THR A 626 -26.90 7.64 -4.73
N ILE A 627 -25.62 7.41 -4.51
CA ILE A 627 -24.60 8.45 -4.46
C ILE A 627 -23.75 8.33 -5.71
N PRO A 628 -23.72 9.35 -6.57
CA PRO A 628 -22.93 9.27 -7.81
C PRO A 628 -21.44 9.45 -7.53
N GLU A 629 -20.65 9.14 -8.57
CA GLU A 629 -19.23 9.46 -8.49
C GLU A 629 -19.00 10.96 -8.61
N PHE A 630 -19.86 11.66 -9.34
CA PHE A 630 -19.69 13.08 -9.64
C PHE A 630 -20.97 13.84 -9.29
N GLY A 631 -20.79 15.02 -8.69
CA GLY A 631 -21.91 15.90 -8.43
C GLY A 631 -22.73 15.59 -7.20
N TYR A 632 -22.29 14.65 -6.36
CA TYR A 632 -22.97 14.42 -5.09
C TYR A 632 -23.01 15.69 -4.25
N LYS A 633 -22.04 16.58 -4.44
CA LYS A 633 -21.95 17.82 -3.68
C LYS A 633 -22.21 19.05 -4.53
N THR A 634 -21.41 19.26 -5.59
CA THR A 634 -21.48 20.45 -6.44
C THR A 634 -21.42 21.75 -5.64
#